data_3TH7
#
_entry.id   3TH7
#
_cell.length_a   90.406
_cell.length_b   90.406
_cell.length_c   69.741
_cell.angle_alpha   90.00
_cell.angle_beta   90.00
_cell.angle_gamma   120.00
#
_symmetry.space_group_name_H-M   'P 3'
#
loop_
_entity.id
_entity.type
_entity.pdbx_description
1 polymer Arginase-1
2 non-polymer 'COBALT (II) ION'
3 water water
#
_entity_poly.entity_id   1
_entity_poly.type   'polypeptide(L)'
_entity_poly.pdbx_seq_one_letter_code
;MSAKSRTIGIIGAPFSKGQPRGGVEEGPTVLRKAGLLEKLKEQECDVKDYGDLPFADIPNDSPFQIVKNPRSVGKASEQL
AGKVAEVKKNGRISLVLGGDHSLAIGSISGHARVHPDLGVIWVDAHTDINTPLTTTSGNLHGQPVSFLLKELKGKIPDVP
GFSWVTPCISAKDIVYIGLRDVDPGEHYILKTLGIKYFSMTEVDRLGIGKVMEETLSYLLGRKKRPIHLSFDVDGLDPSF
TPATGTPVVGGLTYREGLYITEEIYKTGLLSGLDIMEVNPSLGKTPEEVTRTVNTAVAITLACFGLAREGNHKPIDYLNP
PK
;
_entity_poly.pdbx_strand_id   A,B
#
loop_
_chem_comp.id
_chem_comp.type
_chem_comp.name
_chem_comp.formula
CO non-polymer 'COBALT (II) ION' 'Co 2'
#
# COMPACT_ATOMS: atom_id res chain seq x y z
N ARG A 6 27.00 -7.31 26.80
CA ARG A 6 26.96 -8.32 25.70
C ARG A 6 27.68 -7.71 24.50
N THR A 7 28.08 -8.52 23.53
CA THR A 7 28.76 -7.98 22.35
C THR A 7 27.90 -8.16 21.10
N ILE A 8 27.57 -7.03 20.48
CA ILE A 8 26.71 -6.98 19.32
C ILE A 8 27.35 -6.69 17.97
N GLY A 9 26.60 -7.04 16.94
CA GLY A 9 26.98 -6.82 15.57
C GLY A 9 25.75 -6.18 14.98
N ILE A 10 25.79 -4.87 14.79
CA ILE A 10 24.66 -4.13 14.24
C ILE A 10 24.58 -4.20 12.72
N ILE A 11 23.41 -4.54 12.21
CA ILE A 11 23.16 -4.67 10.78
C ILE A 11 21.94 -3.84 10.40
N GLY A 12 22.16 -2.76 9.64
CA GLY A 12 21.05 -1.93 9.22
C GLY A 12 20.41 -2.56 7.98
N ALA A 13 19.08 -2.71 7.99
CA ALA A 13 18.37 -3.31 6.86
C ALA A 13 17.21 -2.46 6.35
N PRO A 14 17.49 -1.40 5.59
CA PRO A 14 16.44 -0.53 5.06
C PRO A 14 15.69 -1.17 3.90
N PHE A 15 14.73 -2.04 4.22
CA PHE A 15 13.95 -2.73 3.20
C PHE A 15 12.46 -2.57 3.52
N SER A 16 11.62 -2.61 2.47
CA SER A 16 10.18 -2.45 2.64
C SER A 16 9.30 -3.27 1.68
N LYS A 17 9.91 -3.87 0.66
CA LYS A 17 9.16 -4.63 -0.34
C LYS A 17 8.42 -5.89 0.14
N GLY A 18 8.46 -6.15 1.44
CA GLY A 18 7.75 -7.29 1.97
C GLY A 18 6.31 -6.90 2.31
N GLN A 19 6.03 -5.61 2.20
CA GLN A 19 4.71 -5.09 2.48
C GLN A 19 4.42 -3.84 1.62
N PRO A 20 3.16 -3.41 1.55
CA PRO A 20 2.80 -2.23 0.73
C PRO A 20 3.33 -0.83 1.07
N ARG A 21 3.20 -0.40 2.31
CA ARG A 21 3.64 0.94 2.71
C ARG A 21 5.15 1.20 2.77
N GLY A 22 5.60 2.29 2.16
CA GLY A 22 7.01 2.63 2.19
C GLY A 22 7.30 3.44 3.45
N GLY A 23 8.56 3.57 3.82
CA GLY A 23 8.87 4.34 5.02
C GLY A 23 9.41 3.50 6.17
N VAL A 24 9.22 2.18 6.06
CA VAL A 24 9.69 1.26 7.07
C VAL A 24 11.18 1.05 6.82
N GLU A 25 11.62 1.45 5.62
CA GLU A 25 13.02 1.34 5.24
C GLU A 25 13.82 2.43 5.96
N GLU A 26 13.11 3.34 6.63
CA GLU A 26 13.75 4.42 7.38
C GLU A 26 14.02 4.01 8.81
N GLY A 27 13.47 2.87 9.20
CA GLY A 27 13.64 2.37 10.56
C GLY A 27 15.07 2.40 11.06
N PRO A 28 16.02 1.77 10.35
CA PRO A 28 17.42 1.79 10.81
C PRO A 28 17.92 3.21 11.03
N THR A 29 17.41 4.14 10.23
CA THR A 29 17.80 5.53 10.31
C THR A 29 17.32 6.22 11.59
N VAL A 30 16.01 6.22 11.82
CA VAL A 30 15.46 6.87 13.01
C VAL A 30 15.92 6.21 14.30
N LEU A 31 16.15 4.90 14.24
CA LEU A 31 16.62 4.17 15.41
C LEU A 31 18.05 4.61 15.74
N ARG A 32 18.90 4.67 14.72
CA ARG A 32 20.29 5.12 14.93
C ARG A 32 20.27 6.55 15.45
N LYS A 33 19.53 7.42 14.77
CA LYS A 33 19.43 8.83 15.18
C LYS A 33 18.93 8.94 16.62
N ALA A 34 18.04 8.05 17.03
CA ALA A 34 17.52 8.07 18.39
C ALA A 34 18.65 7.83 19.38
N GLY A 35 19.81 7.43 18.85
CA GLY A 35 20.99 7.20 19.68
C GLY A 35 21.14 5.80 20.24
N LEU A 36 20.62 4.80 19.52
CA LEU A 36 20.69 3.39 19.97
C LEU A 36 22.08 2.81 20.16
N LEU A 37 22.97 3.06 19.20
CA LEU A 37 24.32 2.54 19.28
C LEU A 37 25.06 3.10 20.49
N GLU A 38 24.89 4.39 20.73
CA GLU A 38 25.54 5.04 21.87
C GLU A 38 24.98 4.52 23.19
N LYS A 39 23.65 4.35 23.25
CA LYS A 39 22.99 3.86 24.46
C LYS A 39 23.42 2.44 24.80
N LEU A 40 23.77 1.66 23.78
CA LEU A 40 24.22 0.30 23.99
C LEU A 40 25.61 0.32 24.63
N LYS A 41 26.48 1.18 24.09
CA LYS A 41 27.83 1.31 24.60
C LYS A 41 27.79 1.89 26.02
N GLU A 42 26.71 2.59 26.35
CA GLU A 42 26.55 3.18 27.67
C GLU A 42 26.40 2.06 28.69
N GLN A 43 26.17 0.84 28.20
CA GLN A 43 26.01 -0.34 29.03
C GLN A 43 27.28 -1.16 28.99
N GLU A 44 27.19 -2.43 29.32
CA GLU A 44 28.36 -3.31 29.28
C GLU A 44 28.46 -3.89 27.87
N CYS A 45 28.15 -3.08 26.86
CA CYS A 45 28.14 -3.56 25.49
C CYS A 45 29.29 -3.25 24.55
N ASP A 46 29.70 -4.28 23.81
CA ASP A 46 30.76 -4.21 22.82
C ASP A 46 30.01 -4.15 21.48
N VAL A 47 29.96 -2.97 20.88
CA VAL A 47 29.22 -2.76 19.63
C VAL A 47 30.02 -2.50 18.35
N LYS A 48 29.68 -3.25 17.29
CA LYS A 48 30.33 -3.07 16.00
C LYS A 48 29.27 -2.90 14.94
N ASP A 49 29.24 -1.72 14.33
CA ASP A 49 28.26 -1.39 13.31
C ASP A 49 28.71 -1.92 11.95
N TYR A 50 27.95 -2.84 11.38
CA TYR A 50 28.30 -3.40 10.08
C TYR A 50 27.67 -2.62 8.93
N GLY A 51 27.18 -1.42 9.27
CA GLY A 51 26.57 -0.55 8.29
C GLY A 51 25.18 -0.94 7.82
N ASP A 52 24.59 -0.09 6.97
CA ASP A 52 23.27 -0.35 6.42
C ASP A 52 23.41 -1.05 5.06
N LEU A 53 22.75 -2.19 4.93
CA LEU A 53 22.82 -2.96 3.70
C LEU A 53 22.18 -2.23 2.51
N PRO A 54 22.92 -2.13 1.40
CA PRO A 54 22.41 -1.47 0.20
C PRO A 54 21.56 -2.44 -0.59
N PHE A 55 20.25 -2.33 -0.46
CA PHE A 55 19.35 -3.21 -1.17
C PHE A 55 19.00 -2.60 -2.52
N ALA A 56 19.85 -2.88 -3.51
CA ALA A 56 19.67 -2.37 -4.86
C ALA A 56 18.30 -2.76 -5.41
N ASP A 57 17.75 -1.91 -6.26
CA ASP A 57 16.44 -2.16 -6.87
C ASP A 57 16.45 -3.34 -7.83
N ILE A 58 15.27 -3.93 -8.03
CA ILE A 58 15.08 -5.02 -8.98
C ILE A 58 13.87 -4.57 -9.78
N PRO A 59 14.05 -3.58 -10.68
CA PRO A 59 13.02 -3.01 -11.55
C PRO A 59 12.08 -4.05 -12.17
N ASN A 60 12.62 -5.21 -12.50
CA ASN A 60 11.82 -6.27 -13.09
C ASN A 60 11.42 -7.30 -12.04
N ASP A 61 10.33 -7.03 -11.34
CA ASP A 61 9.87 -7.93 -10.30
C ASP A 61 8.35 -8.05 -10.25
N SER A 62 7.75 -8.43 -11.37
CA SER A 62 6.30 -8.60 -11.43
C SER A 62 5.87 -9.63 -10.40
N PRO A 63 4.58 -9.69 -10.09
CA PRO A 63 4.13 -10.66 -9.09
C PRO A 63 4.37 -12.10 -9.54
N PHE A 64 4.37 -13.00 -8.57
CA PHE A 64 4.50 -14.43 -8.81
C PHE A 64 3.16 -14.93 -8.28
N GLN A 65 2.23 -15.16 -9.21
CA GLN A 65 0.89 -15.60 -8.84
C GLN A 65 0.23 -14.51 -8.01
N ILE A 66 0.39 -14.59 -6.69
CA ILE A 66 -0.22 -13.61 -5.82
C ILE A 66 0.85 -12.85 -5.01
N VAL A 67 2.03 -13.44 -4.91
CA VAL A 67 3.15 -12.87 -4.16
C VAL A 67 3.69 -11.59 -4.78
N LYS A 68 3.86 -10.55 -3.98
CA LYS A 68 4.35 -9.27 -4.47
C LYS A 68 5.83 -9.04 -4.24
N ASN A 69 6.50 -8.53 -5.26
CA ASN A 69 7.94 -8.23 -5.23
C ASN A 69 8.77 -9.44 -4.77
N PRO A 70 8.52 -10.63 -5.34
CA PRO A 70 9.28 -11.81 -4.92
C PRO A 70 10.81 -11.76 -5.08
N ARG A 71 11.26 -11.28 -6.24
CA ARG A 71 12.70 -11.21 -6.50
C ARG A 71 13.40 -10.19 -5.62
N SER A 72 12.71 -9.10 -5.33
CA SER A 72 13.26 -8.05 -4.49
C SER A 72 13.41 -8.55 -3.06
N VAL A 73 12.39 -9.27 -2.60
CA VAL A 73 12.37 -9.80 -1.25
C VAL A 73 13.42 -10.89 -1.02
N GLY A 74 13.36 -11.94 -1.81
CA GLY A 74 14.31 -13.04 -1.67
C GLY A 74 15.75 -12.58 -1.73
N LYS A 75 15.98 -11.50 -2.46
CA LYS A 75 17.32 -10.93 -2.64
C LYS A 75 17.85 -10.27 -1.38
N ALA A 76 17.02 -9.41 -0.76
CA ALA A 76 17.40 -8.71 0.45
C ALA A 76 17.60 -9.70 1.61
N SER A 77 16.87 -10.80 1.57
CA SER A 77 17.00 -11.83 2.61
C SER A 77 18.32 -12.58 2.38
N GLU A 78 18.60 -12.89 1.12
CA GLU A 78 19.82 -13.61 0.77
C GLU A 78 21.01 -12.77 1.18
N GLN A 79 20.96 -11.48 0.90
CA GLN A 79 22.04 -10.56 1.26
C GLN A 79 22.18 -10.46 2.78
N LEU A 80 21.05 -10.38 3.46
CA LEU A 80 21.06 -10.28 4.91
C LEU A 80 21.56 -11.55 5.58
N ALA A 81 21.16 -12.71 5.05
CA ALA A 81 21.59 -13.98 5.62
C ALA A 81 23.13 -14.09 5.69
N GLY A 82 23.81 -13.69 4.62
CA GLY A 82 25.26 -13.76 4.59
C GLY A 82 25.94 -12.79 5.55
N LYS A 83 25.26 -11.67 5.81
CA LYS A 83 25.79 -10.66 6.71
C LYS A 83 25.66 -11.15 8.16
N VAL A 84 24.50 -11.69 8.47
CA VAL A 84 24.21 -12.24 9.78
C VAL A 84 25.19 -13.38 10.07
N ALA A 85 25.40 -14.23 9.08
CA ALA A 85 26.33 -15.34 9.21
C ALA A 85 27.72 -14.79 9.51
N GLU A 86 28.07 -13.71 8.81
CA GLU A 86 29.37 -13.07 8.98
C GLU A 86 29.59 -12.61 10.42
N VAL A 87 28.67 -11.80 10.93
CA VAL A 87 28.78 -11.31 12.30
C VAL A 87 28.73 -12.44 13.33
N LYS A 88 27.95 -13.49 13.09
CA LYS A 88 27.91 -14.58 14.04
C LYS A 88 29.26 -15.29 14.02
N LYS A 89 29.96 -15.22 12.89
CA LYS A 89 31.29 -15.84 12.76
C LYS A 89 32.29 -14.97 13.54
N ASN A 90 31.93 -13.71 13.76
CA ASN A 90 32.78 -12.78 14.49
C ASN A 90 32.45 -12.81 15.98
N GLY A 91 31.73 -13.85 16.40
CA GLY A 91 31.36 -13.99 17.80
C GLY A 91 30.62 -12.77 18.33
N ARG A 92 29.56 -12.39 17.63
CA ARG A 92 28.79 -11.23 18.01
C ARG A 92 27.31 -11.50 17.81
N ILE A 93 26.50 -11.00 18.72
CA ILE A 93 25.06 -11.14 18.61
C ILE A 93 24.64 -10.21 17.48
N SER A 94 23.98 -10.75 16.46
CA SER A 94 23.53 -9.92 15.35
C SER A 94 22.25 -9.18 15.69
N LEU A 95 22.30 -7.86 15.58
CA LEU A 95 21.14 -7.03 15.85
C LEU A 95 20.70 -6.53 14.49
N VAL A 96 19.62 -7.09 13.97
CA VAL A 96 19.13 -6.65 12.67
C VAL A 96 18.04 -5.62 12.83
N LEU A 97 18.40 -4.37 12.61
CA LEU A 97 17.45 -3.27 12.70
C LEU A 97 16.88 -3.30 11.30
N GLY A 98 15.57 -3.47 11.19
CA GLY A 98 15.07 -3.53 9.84
C GLY A 98 13.86 -2.72 9.44
N GLY A 99 13.32 -3.17 8.31
CA GLY A 99 12.14 -2.60 7.73
C GLY A 99 11.11 -3.68 8.00
N ASP A 100 10.46 -4.19 6.96
CA ASP A 100 9.43 -5.21 7.16
C ASP A 100 9.97 -6.53 7.68
N HIS A 101 9.06 -7.34 8.21
CA HIS A 101 9.36 -8.64 8.78
C HIS A 101 9.76 -9.72 7.80
N SER A 102 9.63 -9.46 6.50
CA SER A 102 10.01 -10.46 5.50
C SER A 102 11.50 -10.78 5.63
N LEU A 103 12.26 -9.81 6.15
CA LEU A 103 13.71 -9.96 6.33
C LEU A 103 14.07 -11.02 7.36
N ALA A 104 13.06 -11.58 8.03
CA ALA A 104 13.30 -12.61 9.04
C ALA A 104 13.85 -13.85 8.35
N ILE A 105 13.43 -14.07 7.11
CA ILE A 105 13.90 -15.21 6.35
C ILE A 105 15.44 -15.18 6.22
N GLY A 106 15.99 -14.03 5.88
CA GLY A 106 17.44 -13.93 5.76
C GLY A 106 18.14 -13.99 7.10
N SER A 107 17.59 -13.32 8.11
CA SER A 107 18.22 -13.33 9.43
C SER A 107 18.30 -14.73 10.01
N ILE A 108 17.14 -15.37 10.23
CA ILE A 108 17.10 -16.70 10.80
C ILE A 108 17.91 -17.70 9.99
N SER A 109 17.99 -17.49 8.69
CA SER A 109 18.75 -18.37 7.82
C SER A 109 20.26 -18.14 8.01
N GLY A 110 20.65 -16.87 8.00
CA GLY A 110 22.05 -16.54 8.19
C GLY A 110 22.52 -16.96 9.58
N HIS A 111 21.59 -16.96 10.53
CA HIS A 111 21.87 -17.33 11.92
C HIS A 111 22.10 -18.83 12.06
N ALA A 112 21.16 -19.61 11.52
CA ALA A 112 21.23 -21.07 11.57
C ALA A 112 22.43 -21.68 10.86
N ARG A 113 22.95 -21.03 9.82
CA ARG A 113 24.12 -21.55 9.11
C ARG A 113 25.24 -21.73 10.11
N VAL A 114 25.42 -20.74 10.97
CA VAL A 114 26.46 -20.78 11.99
C VAL A 114 25.96 -21.49 13.26
N HIS A 115 24.64 -21.49 13.48
CA HIS A 115 24.07 -22.12 14.67
C HIS A 115 22.81 -22.92 14.38
N PRO A 116 22.95 -24.05 13.68
CA PRO A 116 21.87 -24.96 13.29
C PRO A 116 20.94 -25.48 14.37
N ASP A 117 21.29 -25.22 15.63
CA ASP A 117 20.48 -25.69 16.75
C ASP A 117 19.70 -24.57 17.45
N LEU A 118 19.60 -23.42 16.79
CA LEU A 118 18.92 -22.25 17.35
C LEU A 118 17.42 -22.42 17.64
N GLY A 119 16.95 -21.66 18.62
CA GLY A 119 15.54 -21.69 19.00
C GLY A 119 15.01 -20.32 18.64
N VAL A 120 13.77 -20.27 18.16
CA VAL A 120 13.18 -19.00 17.77
C VAL A 120 11.99 -18.53 18.60
N ILE A 121 12.06 -17.29 19.05
CA ILE A 121 10.96 -16.70 19.79
C ILE A 121 10.46 -15.61 18.86
N TRP A 122 9.17 -15.63 18.55
CA TRP A 122 8.58 -14.69 17.61
C TRP A 122 7.48 -13.83 18.25
N VAL A 123 7.87 -12.64 18.73
CA VAL A 123 6.92 -11.73 19.35
C VAL A 123 6.28 -10.96 18.21
N ASP A 124 4.97 -11.14 18.01
CA ASP A 124 4.29 -10.51 16.89
C ASP A 124 2.78 -10.62 17.11
N ALA A 125 2.02 -9.73 16.48
CA ALA A 125 0.57 -9.79 16.59
C ALA A 125 0.10 -10.84 15.59
N HIS A 126 0.98 -11.18 14.66
CA HIS A 126 0.69 -12.16 13.61
C HIS A 126 1.72 -13.29 13.59
N THR A 127 1.26 -14.46 13.13
CA THR A 127 2.11 -15.65 13.02
C THR A 127 2.98 -15.58 11.76
N ASP A 128 2.60 -14.70 10.84
CA ASP A 128 3.32 -14.53 9.58
C ASP A 128 3.76 -15.89 9.06
N ILE A 129 2.82 -16.81 8.97
CA ILE A 129 3.15 -18.14 8.50
C ILE A 129 2.31 -18.55 7.30
N ASN A 130 1.81 -17.56 6.56
CA ASN A 130 1.04 -17.84 5.36
C ASN A 130 1.99 -18.36 4.28
N THR A 131 1.50 -19.28 3.46
CA THR A 131 2.29 -19.83 2.38
C THR A 131 1.95 -18.95 1.19
N PRO A 132 2.79 -19.00 0.13
CA PRO A 132 2.48 -18.18 -1.05
C PRO A 132 1.14 -18.64 -1.61
N LEU A 133 0.66 -19.78 -1.10
CA LEU A 133 -0.59 -20.35 -1.52
C LEU A 133 -1.75 -20.13 -0.57
N THR A 134 -1.46 -19.76 0.68
CA THR A 134 -2.54 -19.50 1.62
C THR A 134 -2.69 -18.00 1.80
N THR A 135 -1.63 -17.25 1.47
CA THR A 135 -1.67 -15.81 1.60
C THR A 135 -2.78 -15.23 0.75
N THR A 136 -3.56 -14.31 1.32
CA THR A 136 -4.64 -13.68 0.58
C THR A 136 -4.23 -12.26 0.15
N SER A 137 -3.18 -11.73 0.79
CA SER A 137 -2.69 -10.40 0.46
C SER A 137 -1.48 -10.44 -0.49
N GLY A 138 -0.66 -11.47 -0.35
CA GLY A 138 0.51 -11.59 -1.18
C GLY A 138 1.73 -10.87 -0.62
N ASN A 139 1.57 -10.16 0.50
CA ASN A 139 2.68 -9.45 1.13
C ASN A 139 3.57 -10.44 1.85
N LEU A 140 4.84 -10.48 1.47
CA LEU A 140 5.79 -11.43 2.06
C LEU A 140 6.18 -11.19 3.53
N HIS A 141 5.85 -10.03 4.10
CA HIS A 141 6.19 -9.81 5.50
C HIS A 141 5.24 -10.56 6.40
N GLY A 142 4.32 -11.33 5.78
CA GLY A 142 3.35 -12.12 6.53
C GLY A 142 3.47 -13.59 6.15
N GLN A 143 4.63 -13.96 5.61
CA GLN A 143 4.88 -15.33 5.20
C GLN A 143 6.29 -15.82 5.59
N PRO A 144 7.17 -14.93 6.08
CA PRO A 144 8.52 -15.40 6.44
C PRO A 144 8.63 -16.77 7.07
N VAL A 145 7.78 -17.06 8.05
CA VAL A 145 7.83 -18.33 8.76
C VAL A 145 7.57 -19.57 7.88
N SER A 146 6.62 -19.47 6.98
CA SER A 146 6.33 -20.61 6.11
C SER A 146 7.56 -21.02 5.30
N PHE A 147 8.43 -20.06 5.02
CA PHE A 147 9.66 -20.33 4.25
C PHE A 147 10.74 -21.02 5.04
N LEU A 148 10.71 -20.85 6.37
CA LEU A 148 11.74 -21.39 7.25
C LEU A 148 11.45 -22.73 7.92
N LEU A 149 10.21 -23.23 7.85
CA LEU A 149 9.88 -24.50 8.49
C LEU A 149 10.17 -25.72 7.63
N LYS A 150 10.83 -26.70 8.25
CA LYS A 150 11.17 -27.93 7.56
C LYS A 150 9.91 -28.75 7.24
N GLU A 151 8.91 -28.67 8.10
CA GLU A 151 7.67 -29.42 7.88
C GLU A 151 6.87 -28.93 6.67
N LEU A 152 7.03 -27.66 6.33
CA LEU A 152 6.29 -27.07 5.22
C LEU A 152 7.03 -27.18 3.89
N LYS A 153 8.22 -27.78 3.93
CA LYS A 153 9.05 -27.97 2.75
C LYS A 153 8.36 -28.98 1.82
N GLY A 154 7.83 -28.48 0.72
CA GLY A 154 7.14 -29.31 -0.24
C GLY A 154 5.76 -28.74 -0.49
N LYS A 155 5.42 -27.73 0.31
CA LYS A 155 4.14 -27.05 0.21
C LYS A 155 4.35 -25.65 -0.38
N ILE A 156 5.57 -25.14 -0.22
CA ILE A 156 5.94 -23.83 -0.72
C ILE A 156 6.43 -23.95 -2.18
N PRO A 157 5.85 -23.14 -3.09
CA PRO A 157 6.22 -23.14 -4.51
C PRO A 157 7.62 -22.59 -4.74
N ASP A 158 8.12 -22.72 -5.96
CA ASP A 158 9.43 -22.19 -6.29
C ASP A 158 9.25 -20.73 -6.68
N VAL A 159 9.36 -19.87 -5.67
CA VAL A 159 9.21 -18.43 -5.87
C VAL A 159 10.50 -17.74 -6.30
N PRO A 160 10.45 -16.98 -7.40
CA PRO A 160 11.60 -16.25 -7.93
C PRO A 160 12.28 -15.37 -6.88
N GLY A 161 13.52 -15.72 -6.53
CA GLY A 161 14.27 -14.99 -5.54
C GLY A 161 14.56 -15.81 -4.30
N PHE A 162 13.96 -16.99 -4.18
CA PHE A 162 14.17 -17.79 -2.98
C PHE A 162 14.75 -19.19 -3.23
N SER A 163 15.55 -19.34 -4.28
CA SER A 163 16.15 -20.64 -4.59
C SER A 163 17.25 -20.98 -3.59
N TRP A 164 17.90 -19.95 -3.05
CA TRP A 164 18.98 -20.10 -2.09
C TRP A 164 18.46 -20.63 -0.75
N VAL A 165 17.17 -20.42 -0.54
CA VAL A 165 16.50 -20.79 0.69
C VAL A 165 16.43 -22.27 0.98
N THR A 166 16.67 -22.61 2.24
CA THR A 166 16.60 -23.98 2.70
C THR A 166 16.08 -23.97 4.14
N PRO A 167 14.88 -24.53 4.37
CA PRO A 167 14.22 -24.61 5.67
C PRO A 167 15.20 -25.02 6.76
N CYS A 168 15.48 -24.10 7.68
CA CYS A 168 16.43 -24.37 8.74
C CYS A 168 15.83 -24.63 10.12
N ILE A 169 14.55 -24.30 10.29
CA ILE A 169 13.91 -24.50 11.58
C ILE A 169 12.70 -25.43 11.52
N SER A 170 12.54 -26.24 12.58
CA SER A 170 11.44 -27.18 12.71
C SER A 170 10.32 -26.57 13.57
N ALA A 171 9.11 -27.10 13.41
CA ALA A 171 7.94 -26.60 14.14
C ALA A 171 8.11 -26.59 15.66
N LYS A 172 8.87 -27.55 16.20
CA LYS A 172 9.07 -27.63 17.64
C LYS A 172 10.26 -26.84 18.16
N ASP A 173 10.72 -25.86 17.38
CA ASP A 173 11.87 -25.04 17.77
C ASP A 173 11.45 -23.57 17.75
N ILE A 174 10.17 -23.32 17.67
CA ILE A 174 9.70 -21.94 17.64
C ILE A 174 8.54 -21.72 18.60
N VAL A 175 8.52 -20.54 19.23
CA VAL A 175 7.46 -20.15 20.14
C VAL A 175 6.94 -18.80 19.66
N TYR A 176 5.63 -18.61 19.70
CA TYR A 176 5.02 -17.35 19.31
C TYR A 176 4.49 -16.71 20.59
N ILE A 177 4.57 -15.38 20.67
CA ILE A 177 4.05 -14.65 21.82
C ILE A 177 3.38 -13.34 21.38
N GLY A 178 2.11 -13.18 21.77
CA GLY A 178 1.38 -11.95 21.47
C GLY A 178 0.34 -12.01 20.36
N LEU A 179 0.05 -13.21 19.87
CA LEU A 179 -0.90 -13.37 18.77
C LEU A 179 -2.32 -12.91 19.04
N ARG A 180 -2.86 -12.17 18.07
CA ARG A 180 -4.24 -11.66 18.15
C ARG A 180 -4.90 -11.39 16.80
N ASP A 181 -4.22 -11.76 15.72
CA ASP A 181 -4.74 -11.58 14.35
C ASP A 181 -4.12 -12.64 13.41
N VAL A 182 -4.69 -13.84 13.47
CA VAL A 182 -4.24 -14.99 12.68
C VAL A 182 -5.26 -15.42 11.63
N ASP A 183 -4.80 -15.65 10.40
CA ASP A 183 -5.69 -16.11 9.34
C ASP A 183 -6.07 -17.58 9.58
N PRO A 184 -7.15 -18.06 8.94
CA PRO A 184 -7.57 -19.47 9.11
C PRO A 184 -6.52 -20.51 8.69
N GLY A 185 -5.92 -20.32 7.51
CA GLY A 185 -4.91 -21.24 7.03
C GLY A 185 -3.73 -21.21 8.00
N GLU A 186 -3.39 -20.04 8.48
CA GLU A 186 -2.30 -19.92 9.44
C GLU A 186 -2.62 -20.73 10.67
N HIS A 187 -3.86 -20.64 11.15
CA HIS A 187 -4.29 -21.35 12.35
C HIS A 187 -4.25 -22.86 12.15
N TYR A 188 -4.58 -23.29 10.94
CA TYR A 188 -4.59 -24.72 10.59
C TYR A 188 -3.17 -25.29 10.66
N ILE A 189 -2.20 -24.45 10.32
CA ILE A 189 -0.78 -24.82 10.31
C ILE A 189 -0.28 -24.89 11.75
N LEU A 190 -0.78 -23.99 12.58
CA LEU A 190 -0.40 -23.95 14.00
C LEU A 190 -0.77 -25.24 14.70
N LYS A 191 -2.04 -25.60 14.57
CA LYS A 191 -2.57 -26.81 15.21
C LYS A 191 -2.02 -28.11 14.59
N THR A 192 -1.95 -28.16 13.27
CA THR A 192 -1.47 -29.36 12.58
C THR A 192 -0.01 -29.73 12.84
N LEU A 193 0.88 -28.74 12.87
CA LEU A 193 2.29 -29.00 13.13
C LEU A 193 2.59 -28.90 14.61
N GLY A 194 1.55 -28.71 15.42
CA GLY A 194 1.70 -28.61 16.86
C GLY A 194 2.65 -27.53 17.34
N ILE A 195 2.61 -26.37 16.70
CA ILE A 195 3.46 -25.26 17.08
C ILE A 195 3.01 -24.65 18.42
N LYS A 196 3.98 -24.42 19.29
CA LYS A 196 3.74 -23.85 20.61
C LYS A 196 3.61 -22.34 20.49
N TYR A 197 2.55 -21.79 21.04
CA TYR A 197 2.31 -20.35 20.97
C TYR A 197 1.57 -19.83 22.20
N PHE A 198 1.69 -18.52 22.43
CA PHE A 198 0.98 -17.90 23.53
C PHE A 198 0.32 -16.69 22.94
N SER A 199 -0.96 -16.84 22.57
CA SER A 199 -1.69 -15.72 21.99
C SER A 199 -2.01 -14.83 23.16
N MET A 200 -2.58 -13.65 22.88
CA MET A 200 -2.92 -12.73 23.96
C MET A 200 -3.83 -13.43 24.96
N THR A 201 -4.56 -14.45 24.50
CA THR A 201 -5.47 -15.17 25.39
C THR A 201 -4.69 -15.87 26.49
N GLU A 202 -3.61 -16.55 26.11
CA GLU A 202 -2.76 -17.24 27.05
C GLU A 202 -2.06 -16.24 27.97
N VAL A 203 -1.70 -15.08 27.43
CA VAL A 203 -1.02 -14.05 28.19
C VAL A 203 -1.93 -13.56 29.30
N ASP A 204 -3.18 -13.27 28.94
CA ASP A 204 -4.17 -12.80 29.91
C ASP A 204 -4.44 -13.89 30.95
N ARG A 205 -4.53 -15.14 30.48
CA ARG A 205 -4.79 -16.26 31.37
C ARG A 205 -3.69 -16.55 32.39
N LEU A 206 -2.47 -16.74 31.89
CA LEU A 206 -1.33 -17.09 32.73
C LEU A 206 -0.52 -15.95 33.34
N GLY A 207 -0.40 -14.87 32.58
CA GLY A 207 0.40 -13.74 33.02
C GLY A 207 1.63 -13.83 32.15
N ILE A 208 2.35 -12.73 31.98
CA ILE A 208 3.55 -12.75 31.14
C ILE A 208 4.70 -13.49 31.84
N GLY A 209 4.68 -13.54 33.17
CA GLY A 209 5.73 -14.21 33.91
C GLY A 209 5.74 -15.72 33.69
N LYS A 210 4.56 -16.34 33.71
CA LYS A 210 4.44 -17.77 33.48
C LYS A 210 4.70 -18.07 32.00
N VAL A 211 4.06 -17.28 31.13
CA VAL A 211 4.21 -17.40 29.68
C VAL A 211 5.69 -17.47 29.30
N MET A 212 6.49 -16.62 29.94
CA MET A 212 7.93 -16.62 29.68
C MET A 212 8.55 -17.85 30.33
N GLU A 213 8.13 -18.16 31.54
CA GLU A 213 8.65 -19.33 32.24
C GLU A 213 8.55 -20.53 31.29
N GLU A 214 7.34 -20.79 30.82
CA GLU A 214 7.09 -21.89 29.91
C GLU A 214 7.86 -21.76 28.60
N THR A 215 7.71 -20.63 27.92
CA THR A 215 8.41 -20.43 26.64
C THR A 215 9.88 -20.84 26.74
N LEU A 216 10.56 -20.38 27.78
CA LEU A 216 11.98 -20.69 27.97
C LEU A 216 12.20 -22.16 28.29
N SER A 217 11.35 -22.70 29.15
CA SER A 217 11.44 -24.10 29.55
C SER A 217 11.22 -24.94 28.30
N TYR A 218 10.31 -24.48 27.44
CA TYR A 218 9.97 -25.15 26.20
C TYR A 218 11.14 -25.22 25.23
N LEU A 219 11.81 -24.09 25.03
CA LEU A 219 12.93 -24.02 24.11
C LEU A 219 14.32 -24.33 24.65
N LEU A 220 14.45 -24.46 25.97
CA LEU A 220 15.78 -24.72 26.54
C LEU A 220 15.77 -25.90 27.51
N GLY A 221 14.58 -26.41 27.80
CA GLY A 221 14.45 -27.51 28.73
C GLY A 221 15.41 -28.65 28.44
N ARG A 222 15.21 -29.31 27.30
CA ARG A 222 16.04 -30.44 26.90
C ARG A 222 17.53 -30.09 27.03
N LYS A 223 17.93 -28.98 26.44
CA LYS A 223 19.32 -28.53 26.47
C LYS A 223 19.41 -27.05 26.13
N LYS A 224 20.54 -26.44 26.47
CA LYS A 224 20.75 -25.03 26.16
C LYS A 224 21.13 -24.90 24.68
N ARG A 225 20.54 -23.90 24.02
CA ARG A 225 20.77 -23.62 22.61
C ARG A 225 20.70 -22.12 22.33
N PRO A 226 21.29 -21.67 21.21
CA PRO A 226 21.28 -20.25 20.86
C PRO A 226 19.88 -19.73 20.53
N ILE A 227 19.49 -18.61 21.12
CA ILE A 227 18.17 -18.04 20.87
C ILE A 227 18.17 -16.89 19.86
N HIS A 228 17.18 -16.92 18.97
CA HIS A 228 16.96 -15.91 17.96
C HIS A 228 15.61 -15.25 18.28
N LEU A 229 15.63 -13.97 18.62
CA LEU A 229 14.39 -13.27 18.94
C LEU A 229 13.91 -12.36 17.80
N SER A 230 12.79 -12.72 17.20
CA SER A 230 12.22 -11.91 16.12
C SER A 230 11.11 -11.07 16.72
N PHE A 231 11.39 -9.78 16.90
CA PHE A 231 10.42 -8.86 17.50
C PHE A 231 9.81 -7.93 16.46
N ASP A 232 8.50 -8.10 16.25
CA ASP A 232 7.73 -7.28 15.30
C ASP A 232 7.11 -6.23 16.20
N VAL A 233 7.43 -4.96 15.97
CA VAL A 233 6.91 -3.91 16.84
C VAL A 233 5.39 -3.84 16.94
N ASP A 234 4.68 -4.56 16.08
CA ASP A 234 3.23 -4.54 16.15
C ASP A 234 2.71 -5.57 17.15
N GLY A 235 3.63 -6.29 17.77
CA GLY A 235 3.26 -7.28 18.77
C GLY A 235 2.80 -6.50 19.99
N LEU A 236 3.43 -5.35 20.20
CA LEU A 236 3.08 -4.49 21.31
C LEU A 236 1.86 -3.69 20.88
N ASP A 237 1.08 -3.24 21.86
CA ASP A 237 -0.13 -2.47 21.59
C ASP A 237 0.18 -1.18 20.84
N PRO A 238 -0.71 -0.76 19.92
CA PRO A 238 -0.47 0.46 19.16
C PRO A 238 -0.38 1.76 19.98
N SER A 239 -0.83 1.71 21.23
CA SER A 239 -0.74 2.87 22.11
C SER A 239 0.74 3.07 22.48
N PHE A 240 1.54 2.06 22.20
CA PHE A 240 2.97 2.09 22.47
C PHE A 240 3.80 2.19 21.18
N THR A 241 3.38 1.45 20.16
CA THR A 241 4.09 1.47 18.89
C THR A 241 3.12 1.73 17.74
N PRO A 242 2.54 2.95 17.72
CA PRO A 242 1.58 3.39 16.69
C PRO A 242 2.09 3.38 15.25
N ALA A 243 3.26 3.97 15.02
CA ALA A 243 3.81 4.02 13.66
C ALA A 243 4.30 2.65 13.18
N THR A 244 3.38 1.85 12.68
CA THR A 244 3.70 0.51 12.17
C THR A 244 2.58 0.18 11.18
N GLY A 245 2.89 -0.56 10.12
CA GLY A 245 1.91 -0.89 9.09
C GLY A 245 0.66 -1.68 9.46
N THR A 246 0.83 -2.78 10.18
CA THR A 246 -0.30 -3.62 10.54
C THR A 246 -0.58 -3.66 12.03
N PRO A 247 -1.08 -2.54 12.60
CA PRO A 247 -1.38 -2.50 14.03
C PRO A 247 -2.64 -3.28 14.38
N VAL A 248 -2.72 -3.73 15.64
CA VAL A 248 -3.86 -4.49 16.15
C VAL A 248 -4.04 -4.19 17.64
N VAL A 249 -5.24 -3.77 18.03
CA VAL A 249 -5.55 -3.43 19.42
C VAL A 249 -5.46 -4.65 20.33
N GLY A 250 -5.25 -4.40 21.62
CA GLY A 250 -5.13 -5.47 22.59
C GLY A 250 -3.75 -6.12 22.56
N GLY A 251 -2.71 -5.33 22.34
CA GLY A 251 -1.38 -5.88 22.29
C GLY A 251 -0.64 -5.95 23.61
N LEU A 252 0.55 -6.54 23.59
CA LEU A 252 1.39 -6.65 24.76
C LEU A 252 1.66 -5.24 25.26
N THR A 253 1.84 -5.11 26.57
CA THR A 253 2.11 -3.79 27.13
C THR A 253 3.60 -3.47 27.10
N TYR A 254 3.89 -2.19 27.30
CA TYR A 254 5.26 -1.70 27.34
C TYR A 254 5.99 -2.63 28.31
N ARG A 255 5.45 -2.72 29.53
CA ARG A 255 6.01 -3.56 30.58
C ARG A 255 6.18 -5.01 30.16
N GLU A 256 5.14 -5.61 29.59
CA GLU A 256 5.23 -6.99 29.13
C GLU A 256 6.35 -7.12 28.08
N GLY A 257 6.48 -6.12 27.21
CA GLY A 257 7.53 -6.16 26.21
C GLY A 257 8.91 -6.13 26.86
N LEU A 258 9.07 -5.27 27.88
CA LEU A 258 10.34 -5.17 28.59
C LEU A 258 10.59 -6.43 29.41
N TYR A 259 9.52 -7.02 29.93
CA TYR A 259 9.66 -8.23 30.73
C TYR A 259 10.16 -9.36 29.84
N ILE A 260 9.51 -9.53 28.68
CA ILE A 260 9.89 -10.56 27.74
C ILE A 260 11.40 -10.51 27.46
N THR A 261 11.87 -9.33 27.07
CA THR A 261 13.26 -9.12 26.73
C THR A 261 14.24 -9.17 27.89
N GLU A 262 13.80 -8.72 29.06
CA GLU A 262 14.66 -8.74 30.22
C GLU A 262 14.88 -10.19 30.54
N GLU A 263 13.84 -11.00 30.39
CA GLU A 263 13.98 -12.42 30.66
C GLU A 263 14.88 -13.08 29.62
N ILE A 264 14.71 -12.73 28.36
CA ILE A 264 15.52 -13.30 27.30
C ILE A 264 16.99 -13.02 27.61
N TYR A 265 17.29 -11.76 27.90
CA TYR A 265 18.65 -11.37 28.21
C TYR A 265 19.25 -12.28 29.28
N LYS A 266 18.55 -12.40 30.39
CA LYS A 266 19.00 -13.19 31.53
C LYS A 266 19.35 -14.65 31.23
N THR A 267 18.91 -15.17 30.10
CA THR A 267 19.26 -16.55 29.74
C THR A 267 20.73 -16.57 29.31
N GLY A 268 21.20 -15.46 28.76
CA GLY A 268 22.58 -15.38 28.30
C GLY A 268 22.75 -16.20 27.04
N LEU A 269 21.62 -16.51 26.40
CA LEU A 269 21.62 -17.30 25.18
C LEU A 269 21.15 -16.53 23.94
N LEU A 270 20.87 -15.24 24.08
CA LEU A 270 20.45 -14.46 22.92
C LEU A 270 21.62 -14.39 21.93
N SER A 271 21.38 -14.79 20.69
CA SER A 271 22.43 -14.75 19.68
C SER A 271 21.95 -14.06 18.42
N GLY A 272 20.63 -13.89 18.30
CA GLY A 272 20.07 -13.22 17.13
C GLY A 272 18.88 -12.37 17.54
N LEU A 273 18.86 -11.12 17.08
CA LEU A 273 17.75 -10.21 17.39
C LEU A 273 17.29 -9.39 16.17
N ASP A 274 15.96 -9.26 16.04
CA ASP A 274 15.34 -8.50 14.96
C ASP A 274 14.40 -7.47 15.55
N ILE A 275 14.51 -6.24 15.09
CA ILE A 275 13.64 -5.15 15.55
C ILE A 275 12.94 -4.73 14.26
N MET A 276 11.71 -5.21 14.04
CA MET A 276 11.03 -4.93 12.79
C MET A 276 9.75 -4.12 12.80
N GLU A 277 9.37 -3.73 11.59
CA GLU A 277 8.14 -2.98 11.28
C GLU A 277 7.98 -1.54 11.79
N VAL A 278 9.07 -0.91 12.24
CA VAL A 278 8.99 0.47 12.69
C VAL A 278 8.89 1.36 11.44
N ASN A 279 7.74 1.99 11.23
CA ASN A 279 7.56 2.84 10.07
C ASN A 279 7.27 4.28 10.49
N PRO A 280 8.30 5.15 10.50
CA PRO A 280 8.16 6.56 10.88
C PRO A 280 7.04 7.30 10.15
N SER A 281 6.84 6.96 8.89
CA SER A 281 5.84 7.60 8.02
C SER A 281 4.40 7.34 8.38
N LEU A 282 4.13 6.26 9.11
CA LEU A 282 2.75 5.93 9.47
C LEU A 282 2.28 6.57 10.78
N GLY A 283 3.13 7.40 11.37
CA GLY A 283 2.77 8.07 12.60
C GLY A 283 1.86 9.24 12.30
N LYS A 284 0.77 9.34 13.04
CA LYS A 284 -0.20 10.41 12.88
C LYS A 284 0.35 11.73 13.45
N THR A 285 1.35 11.63 14.30
CA THR A 285 1.97 12.81 14.88
C THR A 285 3.44 12.53 15.11
N PRO A 286 4.27 13.58 15.17
CA PRO A 286 5.71 13.37 15.39
C PRO A 286 5.95 12.69 16.74
N GLU A 287 4.97 12.80 17.64
CA GLU A 287 5.07 12.19 18.96
C GLU A 287 4.78 10.69 18.90
N GLU A 288 4.02 10.27 17.90
CA GLU A 288 3.72 8.86 17.73
C GLU A 288 4.93 8.16 17.14
N VAL A 289 5.72 8.92 16.39
CA VAL A 289 6.94 8.43 15.76
C VAL A 289 8.02 8.23 16.80
N THR A 290 8.19 9.22 17.69
CA THR A 290 9.20 9.09 18.73
C THR A 290 8.73 8.08 19.77
N ARG A 291 7.42 8.04 20.02
CA ARG A 291 6.88 7.11 21.00
C ARG A 291 7.15 5.71 20.54
N THR A 292 7.13 5.50 19.23
CA THR A 292 7.38 4.19 18.67
C THR A 292 8.87 3.87 18.74
N VAL A 293 9.67 4.78 18.19
CA VAL A 293 11.12 4.62 18.17
C VAL A 293 11.68 4.43 19.59
N ASN A 294 11.23 5.28 20.50
CA ASN A 294 11.70 5.21 21.88
C ASN A 294 11.33 3.87 22.48
N THR A 295 10.13 3.39 22.16
CA THR A 295 9.68 2.11 22.66
C THR A 295 10.54 1.02 22.04
N ALA A 296 10.87 1.21 20.77
CA ALA A 296 11.69 0.26 20.03
C ALA A 296 13.12 0.16 20.59
N VAL A 297 13.65 1.28 21.05
CA VAL A 297 15.00 1.31 21.61
C VAL A 297 15.05 0.62 22.98
N ALA A 298 14.13 0.98 23.87
CA ALA A 298 14.08 0.39 25.21
C ALA A 298 14.04 -1.12 25.16
N ILE A 299 13.30 -1.67 24.20
CA ILE A 299 13.21 -3.12 24.05
C ILE A 299 14.57 -3.69 23.66
N THR A 300 15.28 -2.98 22.79
CA THR A 300 16.58 -3.43 22.35
C THR A 300 17.56 -3.41 23.51
N LEU A 301 17.64 -2.29 24.20
CA LEU A 301 18.53 -2.15 25.34
C LEU A 301 18.29 -3.27 26.35
N ALA A 302 17.02 -3.56 26.62
CA ALA A 302 16.65 -4.61 27.55
C ALA A 302 17.27 -5.94 27.12
N CYS A 303 17.30 -6.17 25.81
CA CYS A 303 17.86 -7.40 25.28
C CYS A 303 19.32 -7.57 25.64
N PHE A 304 20.00 -6.45 25.85
CA PHE A 304 21.41 -6.51 26.15
C PHE A 304 21.84 -6.10 27.54
N GLY A 305 20.93 -6.25 28.50
CA GLY A 305 21.31 -5.95 29.86
C GLY A 305 20.59 -4.89 30.65
N LEU A 306 19.97 -3.92 29.99
CA LEU A 306 19.28 -2.89 30.74
C LEU A 306 18.12 -3.48 31.58
N ALA A 307 18.26 -3.42 32.91
CA ALA A 307 17.25 -3.96 33.81
C ALA A 307 16.51 -2.85 34.56
N ARG A 308 15.19 -2.94 34.64
CA ARG A 308 14.41 -1.92 35.33
C ARG A 308 14.75 -1.72 36.82
N GLU A 309 15.25 -2.77 37.48
CA GLU A 309 15.60 -2.64 38.90
C GLU A 309 16.95 -1.91 39.04
N GLY A 310 17.62 -1.68 37.92
CA GLY A 310 18.89 -0.99 37.95
C GLY A 310 20.03 -1.87 37.48
N ASN A 311 21.21 -1.25 37.33
CA ASN A 311 22.44 -1.93 36.90
C ASN A 311 23.64 -1.27 37.59
N HIS A 312 24.69 -2.03 37.81
CA HIS A 312 25.90 -1.48 38.41
C HIS A 312 27.11 -2.33 38.04
N LYS A 313 28.28 -1.68 37.94
CA LYS A 313 29.53 -2.34 37.57
C LYS A 313 30.08 -3.11 38.76
N PRO A 314 31.02 -4.04 38.52
CA PRO A 314 31.62 -4.83 39.60
C PRO A 314 32.66 -4.00 40.37
N ILE A 315 32.18 -2.95 41.03
CA ILE A 315 33.02 -2.05 41.82
C ILE A 315 32.32 -1.73 43.14
N ASP A 316 32.98 -0.96 43.99
CA ASP A 316 32.40 -0.57 45.26
C ASP A 316 31.97 0.90 45.17
N TYR A 317 30.67 1.10 44.95
CA TYR A 317 30.09 2.43 44.80
C TYR A 317 30.10 3.27 46.09
N LEU A 318 30.31 2.63 47.23
CA LEU A 318 30.36 3.34 48.49
C LEU A 318 31.82 3.68 48.79
N ASN A 319 32.72 2.97 48.12
CA ASN A 319 34.16 3.20 48.28
C ASN A 319 34.61 3.09 49.73
N ARG B 6 -23.97 -3.11 -23.15
CA ARG B 6 -23.95 -2.63 -21.74
C ARG B 6 -24.98 -1.50 -21.56
N THR B 7 -25.64 -1.47 -20.40
CA THR B 7 -26.64 -0.45 -20.10
C THR B 7 -25.97 0.77 -19.46
N ILE B 8 -26.12 1.92 -20.11
CA ILE B 8 -25.47 3.16 -19.66
C ILE B 8 -26.34 4.23 -19.03
N GLY B 9 -25.69 5.15 -18.33
CA GLY B 9 -26.37 6.25 -17.69
C GLY B 9 -25.53 7.50 -17.84
N ILE B 10 -25.89 8.35 -18.81
CA ILE B 10 -25.14 9.58 -19.09
C ILE B 10 -25.48 10.79 -18.18
N ILE B 11 -24.44 11.49 -17.73
CA ILE B 11 -24.58 12.67 -16.88
C ILE B 11 -23.57 13.73 -17.30
N GLY B 12 -24.04 14.89 -17.72
CA GLY B 12 -23.14 15.96 -18.14
C GLY B 12 -22.71 16.81 -16.96
N ALA B 13 -21.43 17.18 -16.93
CA ALA B 13 -20.86 17.97 -15.83
C ALA B 13 -20.00 19.13 -16.32
N PRO B 14 -20.63 20.18 -16.87
CA PRO B 14 -19.90 21.34 -17.38
C PRO B 14 -19.37 22.27 -16.27
N PHE B 15 -18.41 21.79 -15.49
CA PHE B 15 -17.81 22.55 -14.40
C PHE B 15 -16.33 22.82 -14.71
N SER B 16 -15.88 24.04 -14.46
CA SER B 16 -14.49 24.41 -14.77
C SER B 16 -13.83 25.23 -13.66
N LYS B 17 -14.43 25.23 -12.47
CA LYS B 17 -13.87 26.01 -11.37
C LYS B 17 -12.75 25.27 -10.64
N GLY B 18 -12.66 23.97 -10.84
CA GLY B 18 -11.61 23.21 -10.20
C GLY B 18 -10.26 23.59 -10.79
N GLN B 19 -10.30 24.48 -11.78
CA GLN B 19 -9.09 24.95 -12.44
C GLN B 19 -9.27 26.34 -13.09
N PRO B 20 -8.16 26.96 -13.55
CA PRO B 20 -8.10 28.29 -14.19
C PRO B 20 -8.73 28.47 -15.58
N ARG B 21 -8.37 27.59 -16.50
CA ARG B 21 -8.86 27.64 -17.89
C ARG B 21 -10.32 27.17 -17.98
N GLY B 22 -11.23 28.12 -18.18
CA GLY B 22 -12.65 27.80 -18.24
C GLY B 22 -13.27 27.18 -19.49
N GLY B 23 -12.50 26.43 -20.26
CA GLY B 23 -13.07 25.83 -21.45
C GLY B 23 -13.62 24.42 -21.26
N VAL B 24 -13.10 23.71 -20.25
CA VAL B 24 -13.55 22.33 -19.99
C VAL B 24 -15.04 22.22 -19.72
N GLU B 25 -15.66 23.35 -19.40
CA GLU B 25 -17.09 23.38 -19.12
C GLU B 25 -17.87 23.02 -20.38
N GLU B 26 -17.21 23.09 -21.53
CA GLU B 26 -17.88 22.80 -22.79
C GLU B 26 -17.71 21.34 -23.21
N GLY B 27 -16.96 20.58 -22.42
CA GLY B 27 -16.74 19.18 -22.72
C GLY B 27 -18.02 18.42 -23.03
N PRO B 28 -19.04 18.48 -22.15
CA PRO B 28 -20.30 17.77 -22.38
C PRO B 28 -20.98 18.10 -23.71
N THR B 29 -20.78 19.32 -24.19
CA THR B 29 -21.39 19.78 -25.44
C THR B 29 -20.72 19.17 -26.66
N VAL B 30 -19.42 19.40 -26.78
CA VAL B 30 -18.64 18.90 -27.91
C VAL B 30 -18.66 17.38 -27.95
N LEU B 31 -18.81 16.76 -26.80
CA LEU B 31 -18.84 15.30 -26.72
C LEU B 31 -20.17 14.81 -27.27
N ARG B 32 -21.24 15.49 -26.90
CA ARG B 32 -22.59 15.15 -27.38
C ARG B 32 -22.71 15.41 -28.88
N LYS B 33 -22.20 16.56 -29.33
CA LYS B 33 -22.26 16.92 -30.75
C LYS B 33 -21.45 15.94 -31.60
N ALA B 34 -20.56 15.21 -30.93
CA ALA B 34 -19.71 14.23 -31.61
C ALA B 34 -20.45 12.93 -31.93
N GLY B 35 -21.72 12.86 -31.55
CA GLY B 35 -22.51 11.68 -31.81
C GLY B 35 -22.27 10.55 -30.84
N LEU B 36 -21.71 10.86 -29.68
CA LEU B 36 -21.44 9.84 -28.66
C LEU B 36 -22.68 9.01 -28.38
N LEU B 37 -23.73 9.66 -27.87
CA LEU B 37 -24.98 8.97 -27.55
C LEU B 37 -25.42 8.02 -28.66
N GLU B 38 -25.41 8.51 -29.89
CA GLU B 38 -25.81 7.71 -31.04
C GLU B 38 -24.85 6.56 -31.29
N LYS B 39 -23.56 6.86 -31.31
CA LYS B 39 -22.55 5.84 -31.55
C LYS B 39 -22.65 4.68 -30.57
N LEU B 40 -23.10 4.97 -29.36
CA LEU B 40 -23.27 3.95 -28.32
C LEU B 40 -24.51 3.11 -28.63
N LYS B 41 -25.59 3.78 -29.02
CA LYS B 41 -26.82 3.08 -29.37
C LYS B 41 -26.54 2.15 -30.55
N GLU B 42 -25.56 2.51 -31.37
CA GLU B 42 -25.20 1.67 -32.51
C GLU B 42 -24.56 0.41 -31.97
N GLN B 43 -23.94 0.53 -30.80
CA GLN B 43 -23.30 -0.61 -30.16
C GLN B 43 -24.37 -1.36 -29.37
N GLU B 44 -23.94 -2.40 -28.66
CA GLU B 44 -24.86 -3.16 -27.84
C GLU B 44 -25.06 -2.21 -26.67
N CYS B 45 -26.02 -1.27 -26.78
CA CYS B 45 -26.20 -0.33 -25.69
C CYS B 45 -27.59 0.23 -25.41
N ASP B 46 -27.95 0.16 -24.13
CA ASP B 46 -29.21 0.69 -23.62
C ASP B 46 -28.80 2.01 -22.95
N VAL B 47 -28.96 3.13 -23.66
CA VAL B 47 -28.55 4.44 -23.13
C VAL B 47 -29.68 5.31 -22.54
N LYS B 48 -29.38 5.98 -21.44
CA LYS B 48 -30.32 6.88 -20.75
C LYS B 48 -29.61 8.18 -20.33
N ASP B 49 -29.95 9.29 -20.99
CA ASP B 49 -29.32 10.58 -20.66
C ASP B 49 -30.02 11.33 -19.53
N TYR B 50 -29.27 11.55 -18.45
CA TYR B 50 -29.82 12.26 -17.30
C TYR B 50 -29.58 13.76 -17.43
N GLY B 51 -29.47 14.22 -18.68
CA GLY B 51 -29.25 15.63 -18.93
C GLY B 51 -27.97 16.15 -18.32
N ASP B 52 -27.70 17.44 -18.54
CA ASP B 52 -26.50 18.07 -17.99
C ASP B 52 -26.85 18.80 -16.72
N LEU B 53 -26.16 18.45 -15.63
CA LEU B 53 -26.40 19.06 -14.33
C LEU B 53 -26.18 20.57 -14.36
N PRO B 54 -27.09 21.32 -13.72
CA PRO B 54 -26.99 22.78 -13.66
C PRO B 54 -26.38 23.23 -12.34
N PHE B 55 -25.14 23.72 -12.41
CA PHE B 55 -24.44 24.21 -11.22
C PHE B 55 -24.69 25.70 -11.10
N ALA B 56 -25.45 26.10 -10.08
CA ALA B 56 -25.74 27.51 -9.87
C ALA B 56 -24.49 28.21 -9.31
N ASP B 57 -24.10 29.30 -9.97
CA ASP B 57 -22.93 30.06 -9.56
C ASP B 57 -23.02 30.57 -8.13
N ILE B 58 -21.97 30.32 -7.34
CA ILE B 58 -21.93 30.76 -5.96
C ILE B 58 -21.33 32.16 -5.89
N PRO B 59 -22.18 33.19 -5.68
CA PRO B 59 -21.78 34.60 -5.58
C PRO B 59 -20.49 34.82 -4.81
N ASN B 60 -20.53 34.55 -3.50
CA ASN B 60 -19.35 34.73 -2.66
C ASN B 60 -18.59 33.43 -2.37
N ASP B 61 -17.58 33.15 -3.18
CA ASP B 61 -16.77 31.95 -3.03
C ASP B 61 -15.34 32.33 -2.66
N SER B 62 -15.17 33.01 -1.53
CA SER B 62 -13.84 33.41 -1.08
C SER B 62 -12.98 32.16 -0.90
N PRO B 63 -11.68 32.26 -1.21
CA PRO B 63 -10.75 31.13 -1.09
C PRO B 63 -10.67 30.51 0.30
N PHE B 64 -9.89 29.43 0.40
CA PHE B 64 -9.64 28.74 1.65
C PHE B 64 -8.13 28.54 1.64
N GLN B 65 -7.42 29.41 2.36
CA GLN B 65 -5.96 29.34 2.37
C GLN B 65 -5.50 29.64 0.94
N ILE B 66 -4.94 28.65 0.26
CA ILE B 66 -4.47 28.83 -1.11
C ILE B 66 -5.46 28.28 -2.17
N VAL B 67 -6.30 27.35 -1.76
CA VAL B 67 -7.30 26.72 -2.62
C VAL B 67 -8.41 27.68 -3.06
N LYS B 68 -8.78 27.62 -4.34
CA LYS B 68 -9.80 28.49 -4.93
C LYS B 68 -11.15 27.79 -5.13
N ASN B 69 -12.21 28.61 -5.23
CA ASN B 69 -13.58 28.13 -5.42
C ASN B 69 -13.91 26.87 -4.61
N PRO B 70 -13.52 26.85 -3.32
CA PRO B 70 -13.81 25.66 -2.52
C PRO B 70 -15.29 25.29 -2.50
N ARG B 71 -16.15 26.28 -2.35
CA ARG B 71 -17.58 26.04 -2.29
C ARG B 71 -18.19 25.67 -3.65
N SER B 72 -17.70 26.26 -4.72
CA SER B 72 -18.22 25.95 -6.06
C SER B 72 -17.91 24.50 -6.38
N VAL B 73 -16.63 24.16 -6.28
CA VAL B 73 -16.14 22.79 -6.52
C VAL B 73 -16.80 21.85 -5.52
N GLY B 74 -16.69 22.19 -4.24
CA GLY B 74 -17.30 21.37 -3.20
C GLY B 74 -18.77 21.11 -3.45
N LYS B 75 -19.47 22.11 -3.97
CA LYS B 75 -20.90 21.99 -4.27
C LYS B 75 -21.18 21.11 -5.50
N ALA B 76 -20.65 21.51 -6.64
CA ALA B 76 -20.84 20.76 -7.87
C ALA B 76 -20.56 19.27 -7.69
N SER B 77 -19.64 18.94 -6.79
CA SER B 77 -19.30 17.54 -6.51
C SER B 77 -20.37 16.85 -5.69
N GLU B 78 -21.11 17.64 -4.89
CA GLU B 78 -22.16 17.08 -4.08
C GLU B 78 -23.36 16.72 -4.93
N GLN B 79 -23.72 17.62 -5.85
CA GLN B 79 -24.84 17.39 -6.76
C GLN B 79 -24.57 16.11 -7.54
N LEU B 80 -23.42 16.10 -8.20
CA LEU B 80 -22.96 14.98 -9.02
C LEU B 80 -22.97 13.66 -8.28
N ALA B 81 -22.49 13.65 -7.05
CA ALA B 81 -22.46 12.43 -6.26
C ALA B 81 -23.87 11.89 -6.13
N GLY B 82 -24.81 12.81 -5.89
CA GLY B 82 -26.20 12.41 -5.75
C GLY B 82 -26.81 11.95 -7.06
N LYS B 83 -26.38 12.56 -8.16
CA LYS B 83 -26.90 12.21 -9.49
C LYS B 83 -26.32 10.87 -9.98
N VAL B 84 -25.13 10.53 -9.49
CA VAL B 84 -24.47 9.28 -9.89
C VAL B 84 -25.07 8.08 -9.16
N ALA B 85 -25.42 8.26 -7.89
CA ALA B 85 -25.99 7.18 -7.10
C ALA B 85 -27.40 6.92 -7.62
N GLU B 86 -27.99 7.95 -8.23
CA GLU B 86 -29.33 7.86 -8.79
C GLU B 86 -29.27 6.93 -9.99
N VAL B 87 -28.33 7.21 -10.89
CA VAL B 87 -28.15 6.43 -12.11
C VAL B 87 -27.68 5.02 -11.79
N LYS B 88 -27.02 4.83 -10.65
CA LYS B 88 -26.53 3.52 -10.27
C LYS B 88 -27.65 2.66 -9.71
N LYS B 89 -28.70 3.32 -9.20
CA LYS B 89 -29.84 2.60 -8.65
C LYS B 89 -30.74 2.07 -9.75
N ASN B 90 -30.67 2.68 -10.93
CA ASN B 90 -31.46 2.24 -12.06
C ASN B 90 -30.68 1.24 -12.91
N GLY B 91 -29.84 0.44 -12.24
CA GLY B 91 -29.04 -0.58 -12.90
C GLY B 91 -28.25 -0.11 -14.12
N ARG B 92 -27.69 1.08 -14.03
CA ARG B 92 -26.92 1.64 -15.14
C ARG B 92 -25.53 2.05 -14.71
N ILE B 93 -24.61 2.07 -15.66
CA ILE B 93 -23.24 2.48 -15.42
C ILE B 93 -23.23 4.01 -15.56
N SER B 94 -22.71 4.71 -14.55
CA SER B 94 -22.67 6.18 -14.56
C SER B 94 -21.59 6.70 -15.50
N LEU B 95 -22.02 7.46 -16.50
CA LEU B 95 -21.08 8.02 -17.47
C LEU B 95 -21.03 9.52 -17.28
N VAL B 96 -20.04 9.99 -16.53
CA VAL B 96 -19.87 11.42 -16.27
C VAL B 96 -18.92 12.05 -17.28
N LEU B 97 -19.46 12.87 -18.16
CA LEU B 97 -18.65 13.56 -19.15
C LEU B 97 -18.65 15.01 -18.73
N GLY B 98 -17.52 15.50 -18.24
CA GLY B 98 -17.54 16.88 -17.80
C GLY B 98 -16.36 17.72 -18.17
N GLY B 99 -15.95 18.52 -17.19
CA GLY B 99 -14.82 19.39 -17.36
C GLY B 99 -13.68 18.81 -16.58
N ASP B 100 -13.21 19.55 -15.57
CA ASP B 100 -12.06 19.13 -14.76
C ASP B 100 -12.27 17.96 -13.81
N HIS B 101 -11.16 17.29 -13.50
CA HIS B 101 -11.11 16.13 -12.63
C HIS B 101 -11.58 16.35 -11.19
N SER B 102 -11.68 17.61 -10.77
CA SER B 102 -12.10 17.91 -9.40
C SER B 102 -13.44 17.26 -9.13
N LEU B 103 -14.21 17.10 -10.18
CA LEU B 103 -15.52 16.50 -10.11
C LEU B 103 -15.52 15.01 -9.79
N ALA B 104 -14.36 14.38 -9.80
CA ALA B 104 -14.28 12.94 -9.50
C ALA B 104 -14.71 12.69 -8.05
N ILE B 105 -14.48 13.68 -7.19
CA ILE B 105 -14.87 13.56 -5.78
C ILE B 105 -16.34 13.18 -5.73
N GLY B 106 -17.16 13.91 -6.48
CA GLY B 106 -18.58 13.63 -6.52
C GLY B 106 -18.86 12.30 -7.22
N SER B 107 -18.37 12.18 -8.44
CA SER B 107 -18.53 10.97 -9.25
C SER B 107 -18.28 9.68 -8.48
N ILE B 108 -17.11 9.59 -7.87
CA ILE B 108 -16.71 8.42 -7.11
C ILE B 108 -17.54 8.22 -5.83
N SER B 109 -17.75 9.30 -5.08
CA SER B 109 -18.51 9.23 -3.83
C SER B 109 -19.95 8.79 -4.09
N GLY B 110 -20.59 9.45 -5.06
CA GLY B 110 -21.96 9.09 -5.40
C GLY B 110 -22.04 7.68 -5.92
N HIS B 111 -20.91 7.17 -6.40
CA HIS B 111 -20.83 5.80 -6.93
C HIS B 111 -20.68 4.82 -5.77
N ALA B 112 -19.79 5.15 -4.83
CA ALA B 112 -19.52 4.29 -3.68
C ALA B 112 -20.69 4.21 -2.70
N ARG B 113 -21.63 5.14 -2.79
CA ARG B 113 -22.80 5.13 -1.92
C ARG B 113 -23.67 3.93 -2.26
N VAL B 114 -23.69 3.58 -3.54
CA VAL B 114 -24.50 2.46 -4.04
C VAL B 114 -23.66 1.20 -4.25
N HIS B 115 -22.35 1.37 -4.29
CA HIS B 115 -21.42 0.25 -4.49
C HIS B 115 -20.14 0.59 -3.74
N PRO B 116 -20.18 0.51 -2.40
CA PRO B 116 -19.04 0.82 -1.52
C PRO B 116 -17.83 -0.09 -1.64
N ASP B 117 -17.95 -1.17 -2.38
CA ASP B 117 -16.84 -2.12 -2.57
C ASP B 117 -16.04 -1.89 -3.86
N LEU B 118 -16.43 -0.88 -4.63
CA LEU B 118 -15.78 -0.53 -5.91
C LEU B 118 -14.27 -0.31 -5.87
N GLY B 119 -13.60 -0.71 -6.95
CA GLY B 119 -12.16 -0.53 -7.07
C GLY B 119 -11.96 0.64 -8.02
N VAL B 120 -10.83 1.34 -7.93
CA VAL B 120 -10.57 2.51 -8.77
C VAL B 120 -9.39 2.41 -9.75
N ILE B 121 -9.63 2.80 -11.00
CA ILE B 121 -8.61 2.85 -12.04
C ILE B 121 -8.50 4.35 -12.36
N TRP B 122 -7.37 4.95 -12.02
CA TRP B 122 -7.16 6.37 -12.27
C TRP B 122 -6.13 6.56 -13.38
N VAL B 123 -6.60 6.64 -14.62
CA VAL B 123 -5.71 6.84 -15.77
C VAL B 123 -5.47 8.34 -15.89
N ASP B 124 -4.21 8.75 -15.74
CA ASP B 124 -3.92 10.19 -15.75
C ASP B 124 -2.42 10.40 -15.74
N ALA B 125 -1.97 11.56 -16.21
CA ALA B 125 -0.55 11.87 -16.19
C ALA B 125 -0.20 12.33 -14.79
N HIS B 126 -1.24 12.58 -13.98
CA HIS B 126 -1.08 13.08 -12.61
C HIS B 126 -1.74 12.18 -11.57
N THR B 127 -1.34 12.35 -10.32
CA THR B 127 -1.92 11.57 -9.22
C THR B 127 -3.13 12.33 -8.68
N ASP B 128 -3.12 13.65 -8.86
CA ASP B 128 -4.22 14.49 -8.39
C ASP B 128 -4.52 14.17 -6.93
N ILE B 129 -3.48 14.00 -6.13
CA ILE B 129 -3.67 13.66 -4.72
C ILE B 129 -3.10 14.68 -3.74
N ASN B 130 -3.04 15.94 -4.18
CA ASN B 130 -2.57 17.01 -3.31
C ASN B 130 -3.71 17.35 -2.36
N THR B 131 -3.37 17.86 -1.17
CA THR B 131 -4.38 18.24 -0.21
C THR B 131 -4.38 19.76 -0.06
N PRO B 132 -5.42 20.32 0.57
CA PRO B 132 -5.53 21.77 0.77
C PRO B 132 -4.35 22.36 1.53
N LEU B 133 -3.38 21.51 1.88
CA LEU B 133 -2.20 21.92 2.62
C LEU B 133 -0.89 21.53 1.95
N THR B 134 -0.97 20.71 0.91
CA THR B 134 0.23 20.27 0.20
C THR B 134 0.26 20.84 -1.21
N THR B 135 -0.91 21.24 -1.69
CA THR B 135 -1.02 21.80 -3.04
C THR B 135 -0.09 23.01 -3.15
N THR B 136 0.07 23.51 -4.36
CA THR B 136 0.93 24.67 -4.58
C THR B 136 0.22 25.72 -5.43
N SER B 137 -0.71 25.27 -6.26
CA SER B 137 -1.46 26.16 -7.14
C SER B 137 -2.85 26.47 -6.60
N GLY B 138 -3.34 25.62 -5.70
CA GLY B 138 -4.64 25.82 -5.11
C GLY B 138 -5.81 25.40 -6.01
N ASN B 139 -5.50 24.67 -7.08
CA ASN B 139 -6.54 24.21 -7.99
C ASN B 139 -6.99 22.83 -7.52
N LEU B 140 -8.29 22.74 -7.23
CA LEU B 140 -8.89 21.51 -6.72
C LEU B 140 -8.97 20.33 -7.69
N HIS B 141 -8.84 20.58 -9.00
CA HIS B 141 -8.92 19.49 -9.97
C HIS B 141 -7.67 18.63 -9.87
N GLY B 142 -6.74 19.05 -9.01
CA GLY B 142 -5.51 18.32 -8.80
C GLY B 142 -5.37 17.87 -7.35
N GLN B 143 -6.52 17.55 -6.74
CA GLN B 143 -6.60 17.08 -5.36
C GLN B 143 -7.77 16.14 -5.07
N PRO B 144 -8.59 15.79 -6.08
CA PRO B 144 -9.72 14.90 -5.82
C PRO B 144 -9.47 13.68 -4.95
N VAL B 145 -8.45 12.89 -5.28
CA VAL B 145 -8.14 11.68 -4.54
C VAL B 145 -7.93 11.89 -3.04
N SER B 146 -7.26 12.98 -2.66
CA SER B 146 -7.01 13.27 -1.25
C SER B 146 -8.30 13.35 -0.42
N PHE B 147 -9.35 13.91 -1.02
CA PHE B 147 -10.66 14.05 -0.38
C PHE B 147 -11.38 12.71 -0.30
N LEU B 148 -10.94 11.75 -1.12
CA LEU B 148 -11.57 10.44 -1.19
C LEU B 148 -10.90 9.36 -0.35
N LEU B 149 -9.59 9.44 -0.19
CA LEU B 149 -8.84 8.43 0.57
C LEU B 149 -9.13 8.40 2.06
N LYS B 150 -9.28 7.19 2.60
CA LYS B 150 -9.55 6.99 4.00
C LYS B 150 -8.31 7.23 4.87
N GLU B 151 -7.15 6.86 4.36
CA GLU B 151 -5.90 7.04 5.10
C GLU B 151 -5.42 8.48 5.09
N LEU B 152 -5.96 9.28 4.19
CA LEU B 152 -5.57 10.68 4.08
C LEU B 152 -6.45 11.51 4.99
N LYS B 153 -7.51 10.90 5.50
CA LYS B 153 -8.42 11.59 6.40
C LYS B 153 -7.63 11.87 7.67
N GLY B 154 -7.46 13.15 7.97
CA GLY B 154 -6.69 13.56 9.13
C GLY B 154 -5.67 14.59 8.68
N LYS B 155 -5.57 14.76 7.37
CA LYS B 155 -4.65 15.72 6.77
C LYS B 155 -5.44 16.72 5.94
N ILE B 156 -6.73 16.42 5.76
CA ILE B 156 -7.63 17.27 5.01
C ILE B 156 -8.36 18.22 5.95
N PRO B 157 -8.06 19.53 5.88
CA PRO B 157 -8.71 20.52 6.74
C PRO B 157 -10.14 20.68 6.29
N ASP B 158 -11.02 21.03 7.22
CA ASP B 158 -12.41 21.25 6.85
C ASP B 158 -12.42 22.39 5.83
N VAL B 159 -13.00 22.14 4.66
CA VAL B 159 -13.04 23.16 3.61
C VAL B 159 -14.44 23.53 3.17
N PRO B 160 -14.80 24.82 3.23
CA PRO B 160 -16.13 25.24 2.81
C PRO B 160 -16.52 24.54 1.51
N GLY B 161 -17.68 23.92 1.52
CA GLY B 161 -18.18 23.21 0.36
C GLY B 161 -18.01 21.71 0.39
N PHE B 162 -17.20 21.20 1.30
CA PHE B 162 -16.95 19.75 1.36
C PHE B 162 -17.39 19.04 2.63
N SER B 163 -18.28 19.62 3.39
CA SER B 163 -18.72 18.98 4.62
C SER B 163 -19.22 17.57 4.32
N TRP B 164 -20.18 17.47 3.40
CA TRP B 164 -20.82 16.21 2.99
C TRP B 164 -19.90 15.02 2.70
N VAL B 165 -18.68 15.31 2.27
CA VAL B 165 -17.71 14.27 1.91
C VAL B 165 -17.21 13.33 3.00
N THR B 166 -17.35 12.03 2.74
CA THR B 166 -16.87 11.01 3.67
C THR B 166 -15.92 10.13 2.85
N PRO B 167 -14.61 10.15 3.18
CA PRO B 167 -13.57 9.36 2.50
C PRO B 167 -14.09 7.96 2.15
N CYS B 168 -14.40 7.75 0.88
CA CYS B 168 -14.96 6.47 0.44
C CYS B 168 -14.06 5.43 -0.20
N ILE B 169 -12.77 5.68 -0.27
CA ILE B 169 -11.87 4.70 -0.88
C ILE B 169 -10.58 4.47 -0.10
N SER B 170 -10.24 3.19 0.06
CA SER B 170 -9.01 2.79 0.75
C SER B 170 -7.84 2.89 -0.23
N ALA B 171 -6.63 3.05 0.30
CA ALA B 171 -5.43 3.15 -0.53
C ALA B 171 -5.16 1.90 -1.37
N LYS B 172 -5.52 0.73 -0.84
CA LYS B 172 -5.31 -0.54 -1.51
C LYS B 172 -6.37 -0.88 -2.55
N ASP B 173 -7.26 0.06 -2.84
CA ASP B 173 -8.32 -0.18 -3.83
C ASP B 173 -8.28 0.77 -5.02
N ILE B 174 -7.15 1.45 -5.19
CA ILE B 174 -6.96 2.38 -6.29
C ILE B 174 -5.66 2.09 -7.04
N VAL B 175 -5.73 2.18 -8.36
CA VAL B 175 -4.56 1.95 -9.21
C VAL B 175 -4.41 3.12 -10.19
N TYR B 176 -3.18 3.64 -10.30
CA TYR B 176 -2.89 4.74 -11.20
C TYR B 176 -2.23 4.19 -12.46
N ILE B 177 -2.47 4.85 -13.59
CA ILE B 177 -1.87 4.44 -14.87
C ILE B 177 -1.55 5.66 -15.75
N GLY B 178 -0.30 5.80 -16.15
CA GLY B 178 0.09 6.91 -17.01
C GLY B 178 0.79 8.10 -16.35
N LEU B 179 1.03 7.98 -15.06
CA LEU B 179 1.68 9.05 -14.29
C LEU B 179 3.05 9.47 -14.82
N ARG B 180 3.24 10.78 -14.99
CA ARG B 180 4.52 11.28 -15.46
C ARG B 180 4.83 12.71 -14.97
N ASP B 181 4.10 13.16 -13.95
CA ASP B 181 4.28 14.46 -13.32
C ASP B 181 3.56 14.50 -11.99
N VAL B 182 4.27 14.13 -10.93
CA VAL B 182 3.74 14.09 -9.57
C VAL B 182 4.51 15.09 -8.73
N ASP B 183 3.84 15.78 -7.81
CA ASP B 183 4.52 16.75 -6.96
C ASP B 183 5.37 16.03 -5.92
N PRO B 184 6.36 16.72 -5.33
CA PRO B 184 7.21 16.07 -4.32
C PRO B 184 6.39 15.45 -3.18
N GLY B 185 5.34 16.15 -2.75
CA GLY B 185 4.47 15.67 -1.70
C GLY B 185 3.52 14.57 -2.15
N GLU B 186 3.01 14.68 -3.37
CA GLU B 186 2.13 13.64 -3.89
C GLU B 186 2.86 12.32 -3.93
N HIS B 187 4.15 12.36 -4.28
CA HIS B 187 4.96 11.15 -4.36
C HIS B 187 5.15 10.53 -2.98
N TYR B 188 5.34 11.38 -1.97
CA TYR B 188 5.52 10.91 -0.59
C TYR B 188 4.26 10.19 -0.15
N ILE B 189 3.11 10.64 -0.63
CA ILE B 189 1.84 10.03 -0.29
C ILE B 189 1.74 8.67 -1.01
N LEU B 190 2.10 8.65 -2.30
CA LEU B 190 2.07 7.41 -3.06
C LEU B 190 2.81 6.35 -2.26
N LYS B 191 4.13 6.50 -2.24
CA LYS B 191 5.04 5.61 -1.54
C LYS B 191 4.53 5.24 -0.14
N THR B 192 4.42 6.23 0.74
CA THR B 192 3.97 6.02 2.11
C THR B 192 2.72 5.16 2.28
N LEU B 193 1.62 5.57 1.66
CA LEU B 193 0.37 4.82 1.77
C LEU B 193 0.45 3.56 0.92
N GLY B 194 1.52 3.45 0.14
CA GLY B 194 1.69 2.27 -0.71
C GLY B 194 0.64 2.10 -1.77
N ILE B 195 0.30 3.18 -2.46
CA ILE B 195 -0.71 3.14 -3.50
C ILE B 195 -0.14 2.55 -4.79
N LYS B 196 -0.89 1.62 -5.39
CA LYS B 196 -0.50 0.94 -6.61
C LYS B 196 -0.52 1.89 -7.80
N TYR B 197 0.57 1.92 -8.56
CA TYR B 197 0.63 2.81 -9.72
C TYR B 197 1.50 2.23 -10.83
N PHE B 198 1.26 2.72 -12.03
CA PHE B 198 2.04 2.33 -13.19
C PHE B 198 2.39 3.63 -13.89
N SER B 199 3.46 4.28 -13.46
CA SER B 199 3.88 5.53 -14.09
C SER B 199 4.33 5.17 -15.51
N MET B 200 4.62 6.16 -16.34
CA MET B 200 5.04 5.87 -17.70
C MET B 200 6.25 4.95 -17.73
N THR B 201 7.05 4.99 -16.68
CA THR B 201 8.24 4.14 -16.57
C THR B 201 7.84 2.67 -16.59
N GLU B 202 6.84 2.32 -15.77
CA GLU B 202 6.34 0.94 -15.69
C GLU B 202 5.63 0.50 -16.97
N VAL B 203 5.00 1.43 -17.66
CA VAL B 203 4.31 1.08 -18.91
C VAL B 203 5.40 0.78 -19.95
N ASP B 204 6.49 1.53 -19.90
CA ASP B 204 7.61 1.32 -20.82
C ASP B 204 8.27 -0.02 -20.51
N ARG B 205 8.47 -0.29 -19.22
CA ARG B 205 9.12 -1.51 -18.79
C ARG B 205 8.29 -2.74 -19.06
N LEU B 206 7.04 -2.71 -18.60
CA LEU B 206 6.15 -3.85 -18.74
C LEU B 206 5.34 -3.98 -20.02
N GLY B 207 5.03 -2.86 -20.65
CA GLY B 207 4.20 -2.89 -21.84
C GLY B 207 2.78 -2.77 -21.28
N ILE B 208 1.91 -2.09 -22.02
CA ILE B 208 0.54 -1.87 -21.57
C ILE B 208 -0.21 -3.19 -21.34
N GLY B 209 0.12 -4.20 -22.13
CA GLY B 209 -0.53 -5.50 -22.01
C GLY B 209 -0.34 -6.12 -20.63
N LYS B 210 0.91 -6.16 -20.17
CA LYS B 210 1.22 -6.72 -18.87
C LYS B 210 0.70 -5.76 -17.79
N VAL B 211 0.68 -4.47 -18.13
CA VAL B 211 0.19 -3.45 -17.23
C VAL B 211 -1.28 -3.65 -16.87
N MET B 212 -2.08 -4.06 -17.84
CA MET B 212 -3.50 -4.27 -17.60
C MET B 212 -3.79 -5.54 -16.83
N GLU B 213 -2.96 -6.57 -17.06
CA GLU B 213 -3.14 -7.84 -16.36
C GLU B 213 -2.88 -7.66 -14.87
N GLU B 214 -1.80 -6.95 -14.55
CA GLU B 214 -1.43 -6.70 -13.16
C GLU B 214 -2.41 -5.75 -12.48
N THR B 215 -2.90 -4.77 -13.21
CA THR B 215 -3.87 -3.84 -12.65
C THR B 215 -5.17 -4.59 -12.26
N LEU B 216 -5.70 -5.38 -13.18
CA LEU B 216 -6.93 -6.12 -12.93
C LEU B 216 -6.79 -7.25 -11.92
N SER B 217 -5.61 -7.83 -11.82
CA SER B 217 -5.38 -8.90 -10.86
C SER B 217 -5.14 -8.28 -9.49
N TYR B 218 -4.60 -7.08 -9.48
CA TYR B 218 -4.33 -6.39 -8.23
C TYR B 218 -5.64 -5.90 -7.64
N LEU B 219 -6.57 -5.53 -8.50
CA LEU B 219 -7.86 -5.03 -8.06
C LEU B 219 -8.91 -6.11 -7.84
N LEU B 220 -9.01 -7.05 -8.77
CA LEU B 220 -10.01 -8.11 -8.68
C LEU B 220 -9.52 -9.49 -8.26
N GLY B 221 -8.29 -9.55 -7.73
CA GLY B 221 -7.75 -10.81 -7.27
C GLY B 221 -8.68 -11.40 -6.21
N ARG B 222 -8.58 -10.89 -4.98
CA ARG B 222 -9.40 -11.35 -3.87
C ARG B 222 -10.86 -11.56 -4.24
N LYS B 223 -11.43 -10.65 -5.04
CA LYS B 223 -12.83 -10.76 -5.45
C LYS B 223 -13.26 -9.73 -6.49
N LYS B 224 -14.25 -10.10 -7.30
CA LYS B 224 -14.80 -9.23 -8.33
C LYS B 224 -15.68 -8.18 -7.66
N ARG B 225 -15.35 -6.90 -7.85
CA ARG B 225 -16.10 -5.82 -7.25
C ARG B 225 -16.18 -4.65 -8.23
N PRO B 226 -17.32 -3.91 -8.23
CA PRO B 226 -17.50 -2.77 -9.13
C PRO B 226 -16.23 -2.03 -9.51
N ILE B 227 -16.17 -1.59 -10.76
CA ILE B 227 -15.00 -0.86 -11.24
C ILE B 227 -15.32 0.58 -11.66
N HIS B 228 -14.58 1.52 -11.09
CA HIS B 228 -14.77 2.91 -11.44
C HIS B 228 -13.53 3.40 -12.17
N LEU B 229 -13.72 3.80 -13.43
CA LEU B 229 -12.64 4.31 -14.25
C LEU B 229 -12.72 5.85 -14.37
N SER B 230 -11.77 6.55 -13.75
CA SER B 230 -11.71 8.00 -13.83
C SER B 230 -10.63 8.30 -14.88
N PHE B 231 -11.06 8.78 -16.04
CA PHE B 231 -10.15 9.04 -17.15
C PHE B 231 -9.86 10.52 -17.46
N ASP B 232 -8.64 10.95 -17.13
CA ASP B 232 -8.22 12.31 -17.42
C ASP B 232 -7.56 12.20 -18.78
N VAL B 233 -8.14 12.88 -19.79
CA VAL B 233 -7.59 12.82 -21.15
C VAL B 233 -6.12 13.24 -21.21
N ASP B 234 -5.65 14.03 -20.24
CA ASP B 234 -4.25 14.46 -20.23
C ASP B 234 -3.30 13.32 -19.83
N GLY B 235 -3.84 12.10 -19.81
CA GLY B 235 -3.04 10.94 -19.48
C GLY B 235 -2.42 10.39 -20.74
N LEU B 236 -3.10 10.61 -21.86
CA LEU B 236 -2.62 10.19 -23.17
C LEU B 236 -1.78 11.37 -23.66
N ASP B 237 -0.86 11.08 -24.58
CA ASP B 237 0.03 12.11 -25.12
C ASP B 237 -0.72 13.18 -25.91
N PRO B 238 -0.39 14.47 -25.66
CA PRO B 238 -1.01 15.63 -26.32
C PRO B 238 -0.96 15.65 -27.85
N SER B 239 -0.29 14.67 -28.45
CA SER B 239 -0.23 14.58 -29.92
C SER B 239 -1.51 13.87 -30.33
N PHE B 240 -2.27 13.47 -29.31
CA PHE B 240 -3.54 12.79 -29.48
C PHE B 240 -4.63 13.58 -28.78
N THR B 241 -4.30 14.08 -27.59
CA THR B 241 -5.24 14.86 -26.77
C THR B 241 -4.67 16.25 -26.45
N PRO B 242 -4.32 17.03 -27.48
CA PRO B 242 -3.77 18.38 -27.26
C PRO B 242 -4.68 19.37 -26.51
N ALA B 243 -5.98 19.36 -26.79
CA ALA B 243 -6.93 20.28 -26.13
C ALA B 243 -7.31 19.89 -24.69
N THR B 244 -6.38 20.12 -23.75
CA THR B 244 -6.60 19.82 -22.35
C THR B 244 -5.78 20.81 -21.53
N GLY B 245 -6.28 21.17 -20.35
CA GLY B 245 -5.62 22.15 -19.49
C GLY B 245 -4.18 21.94 -19.04
N THR B 246 -3.83 20.72 -18.70
CA THR B 246 -2.47 20.42 -18.23
C THR B 246 -1.86 19.22 -18.95
N PRO B 247 -1.38 19.42 -20.19
CA PRO B 247 -0.77 18.35 -20.99
C PRO B 247 0.69 18.09 -20.65
N VAL B 248 1.11 16.82 -20.76
CA VAL B 248 2.48 16.40 -20.46
C VAL B 248 2.98 15.46 -21.56
N VAL B 249 4.22 15.65 -22.01
CA VAL B 249 4.81 14.84 -23.06
C VAL B 249 5.17 13.41 -22.65
N GLY B 250 5.35 12.53 -23.64
CA GLY B 250 5.67 11.14 -23.37
C GLY B 250 4.53 10.34 -22.74
N GLY B 251 3.29 10.74 -23.04
CA GLY B 251 2.13 10.07 -22.46
C GLY B 251 1.71 8.78 -23.14
N LEU B 252 0.52 8.30 -22.78
CA LEU B 252 0.00 7.07 -23.35
C LEU B 252 -0.36 7.32 -24.81
N THR B 253 -0.09 6.33 -25.65
CA THR B 253 -0.39 6.42 -27.07
C THR B 253 -1.87 6.18 -27.28
N TYR B 254 -2.33 6.42 -28.52
CA TYR B 254 -3.73 6.22 -28.85
C TYR B 254 -4.08 4.76 -28.59
N ARG B 255 -3.29 3.86 -29.18
CA ARG B 255 -3.48 2.41 -29.02
C ARG B 255 -3.51 1.95 -27.56
N GLU B 256 -2.59 2.45 -26.74
CA GLU B 256 -2.56 2.08 -25.32
C GLU B 256 -3.82 2.62 -24.66
N GLY B 257 -4.32 3.74 -25.17
CA GLY B 257 -5.52 4.32 -24.63
C GLY B 257 -6.68 3.37 -24.84
N LEU B 258 -6.80 2.86 -26.06
CA LEU B 258 -7.87 1.92 -26.42
C LEU B 258 -7.74 0.58 -25.72
N TYR B 259 -6.51 0.10 -25.55
CA TYR B 259 -6.29 -1.20 -24.89
C TYR B 259 -6.71 -1.20 -23.42
N ILE B 260 -6.43 -0.11 -22.72
CA ILE B 260 -6.81 0.00 -21.31
C ILE B 260 -8.31 -0.25 -21.24
N THR B 261 -9.03 0.57 -21.98
CA THR B 261 -10.48 0.51 -22.01
C THR B 261 -11.11 -0.79 -22.52
N GLU B 262 -10.52 -1.40 -23.55
CA GLU B 262 -11.05 -2.65 -24.06
C GLU B 262 -10.93 -3.73 -22.99
N GLU B 263 -9.86 -3.67 -22.20
CA GLU B 263 -9.62 -4.65 -21.15
C GLU B 263 -10.53 -4.45 -19.94
N ILE B 264 -10.98 -3.22 -19.73
CA ILE B 264 -11.86 -2.94 -18.60
C ILE B 264 -13.27 -3.42 -18.95
N TYR B 265 -13.68 -3.19 -20.20
CA TYR B 265 -14.99 -3.61 -20.66
C TYR B 265 -15.13 -5.13 -20.52
N LYS B 266 -14.10 -5.85 -20.98
CA LYS B 266 -14.12 -7.30 -20.96
C LYS B 266 -14.28 -7.92 -19.58
N THR B 267 -13.92 -7.17 -18.54
CA THR B 267 -14.07 -7.68 -17.18
C THR B 267 -15.57 -7.78 -16.92
N GLY B 268 -16.30 -6.76 -17.36
CA GLY B 268 -17.73 -6.73 -17.15
C GLY B 268 -18.07 -6.21 -15.77
N LEU B 269 -17.11 -5.53 -15.13
CA LEU B 269 -17.31 -4.98 -13.78
C LEU B 269 -17.36 -3.45 -13.75
N LEU B 270 -17.19 -2.82 -14.90
CA LEU B 270 -17.24 -1.36 -14.98
C LEU B 270 -18.61 -0.90 -14.52
N SER B 271 -18.66 -0.02 -13.53
CA SER B 271 -19.93 0.50 -13.04
C SER B 271 -19.91 2.02 -12.98
N GLY B 272 -18.77 2.61 -13.33
CA GLY B 272 -18.65 4.05 -13.31
C GLY B 272 -17.53 4.49 -14.22
N LEU B 273 -17.77 5.56 -14.97
CA LEU B 273 -16.76 6.09 -15.87
C LEU B 273 -16.76 7.61 -15.91
N ASP B 274 -15.56 8.18 -15.93
CA ASP B 274 -15.41 9.62 -16.00
C ASP B 274 -14.49 9.90 -17.17
N ILE B 275 -14.82 10.92 -17.96
CA ILE B 275 -14.04 11.35 -19.11
C ILE B 275 -13.83 12.85 -18.88
N MET B 276 -12.74 13.18 -18.20
CA MET B 276 -12.43 14.55 -17.83
C MET B 276 -11.35 15.31 -18.60
N GLU B 277 -11.28 16.59 -18.28
CA GLU B 277 -10.30 17.51 -18.83
C GLU B 277 -10.34 17.83 -20.32
N VAL B 278 -11.48 17.66 -20.97
CA VAL B 278 -11.57 18.01 -22.38
C VAL B 278 -11.94 19.51 -22.50
N ASN B 279 -10.98 20.31 -22.94
CA ASN B 279 -11.17 21.75 -23.10
C ASN B 279 -11.01 22.13 -24.57
N PRO B 280 -12.12 22.14 -25.32
CA PRO B 280 -12.09 22.49 -26.75
C PRO B 280 -11.36 23.81 -27.03
N SER B 281 -11.66 24.81 -26.19
CA SER B 281 -11.08 26.14 -26.29
C SER B 281 -9.56 26.20 -26.35
N LEU B 282 -8.89 25.15 -25.89
CA LEU B 282 -7.45 25.10 -25.86
C LEU B 282 -6.76 24.41 -27.04
N GLY B 283 -7.53 23.75 -27.90
CA GLY B 283 -6.91 23.13 -29.05
C GLY B 283 -6.36 24.30 -29.82
N LYS B 284 -5.23 24.15 -30.51
CA LYS B 284 -4.68 25.28 -31.25
C LYS B 284 -5.28 25.42 -32.64
N THR B 285 -5.75 24.32 -33.21
CA THR B 285 -6.39 24.33 -34.53
C THR B 285 -7.74 23.65 -34.36
N PRO B 286 -8.68 23.92 -35.26
CA PRO B 286 -9.99 23.27 -35.12
C PRO B 286 -9.79 21.76 -35.21
N GLU B 287 -8.63 21.38 -35.74
CA GLU B 287 -8.24 19.99 -35.91
C GLU B 287 -7.80 19.40 -34.58
N GLU B 288 -7.02 20.16 -33.83
CA GLU B 288 -6.54 19.70 -32.53
C GLU B 288 -7.72 19.48 -31.59
N VAL B 289 -8.87 20.03 -31.96
CA VAL B 289 -10.09 19.89 -31.16
C VAL B 289 -10.82 18.59 -31.46
N THR B 290 -10.96 18.27 -32.75
CA THR B 290 -11.64 17.03 -33.14
C THR B 290 -10.76 15.85 -32.78
N ARG B 291 -9.45 16.02 -32.91
CA ARG B 291 -8.49 14.96 -32.58
C ARG B 291 -8.69 14.59 -31.12
N THR B 292 -8.80 15.62 -30.30
CA THR B 292 -9.00 15.44 -28.86
C THR B 292 -10.39 14.88 -28.57
N VAL B 293 -11.42 15.46 -29.19
CA VAL B 293 -12.79 14.99 -28.99
C VAL B 293 -12.91 13.55 -29.48
N ASN B 294 -12.54 13.33 -30.74
CA ASN B 294 -12.63 11.99 -31.32
C ASN B 294 -11.89 10.92 -30.53
N THR B 295 -10.71 11.25 -30.01
CA THR B 295 -9.98 10.27 -29.22
C THR B 295 -10.78 9.97 -27.96
N ALA B 296 -11.41 11.02 -27.42
CA ALA B 296 -12.21 10.89 -26.21
C ALA B 296 -13.40 9.99 -26.50
N VAL B 297 -14.03 10.21 -27.64
CA VAL B 297 -15.18 9.40 -28.05
C VAL B 297 -14.76 7.95 -28.23
N ALA B 298 -13.62 7.74 -28.90
CA ALA B 298 -13.12 6.40 -29.14
C ALA B 298 -12.86 5.65 -27.84
N ILE B 299 -12.27 6.35 -26.86
CA ILE B 299 -11.98 5.74 -25.57
C ILE B 299 -13.26 5.25 -24.92
N THR B 300 -14.26 6.11 -24.85
CA THR B 300 -15.54 5.76 -24.24
C THR B 300 -16.21 4.57 -24.91
N LEU B 301 -16.19 4.53 -26.25
CA LEU B 301 -16.80 3.45 -26.99
C LEU B 301 -16.21 2.09 -26.60
N ALA B 302 -14.88 2.02 -26.49
CA ALA B 302 -14.19 0.79 -26.12
C ALA B 302 -14.61 0.33 -24.72
N CYS B 303 -14.92 1.30 -23.86
CA CYS B 303 -15.36 1.02 -22.51
C CYS B 303 -16.70 0.27 -22.53
N PHE B 304 -17.40 0.33 -23.64
CA PHE B 304 -18.69 -0.34 -23.74
C PHE B 304 -18.87 -1.37 -24.85
N GLY B 305 -17.78 -2.05 -25.22
CA GLY B 305 -17.91 -3.07 -26.24
C GLY B 305 -17.23 -2.96 -27.58
N LEU B 306 -16.88 -1.74 -28.01
CA LEU B 306 -16.21 -1.59 -29.30
C LEU B 306 -14.81 -2.22 -29.26
N ALA B 307 -14.61 -3.25 -30.08
CA ALA B 307 -13.34 -3.96 -30.17
C ALA B 307 -12.73 -3.76 -31.55
N ARG B 308 -11.44 -3.49 -31.58
CA ARG B 308 -10.76 -3.27 -32.85
C ARG B 308 -10.77 -4.51 -33.74
N GLU B 309 -10.87 -5.69 -33.13
CA GLU B 309 -10.91 -6.96 -33.85
C GLU B 309 -12.25 -7.12 -34.55
N GLY B 310 -13.22 -6.31 -34.14
CA GLY B 310 -14.55 -6.37 -34.72
C GLY B 310 -15.60 -6.69 -33.67
N ASN B 311 -16.85 -6.62 -34.09
CA ASN B 311 -17.98 -6.90 -33.21
C ASN B 311 -19.14 -7.42 -34.06
N HIS B 312 -20.04 -8.17 -33.44
CA HIS B 312 -21.20 -8.65 -34.18
C HIS B 312 -22.31 -9.11 -33.24
N LYS B 313 -23.54 -8.80 -33.63
CA LYS B 313 -24.73 -9.14 -32.86
C LYS B 313 -24.90 -10.66 -32.83
N PRO B 314 -25.60 -11.18 -31.81
CA PRO B 314 -25.81 -12.63 -31.68
C PRO B 314 -26.72 -13.25 -32.74
N ILE B 315 -26.55 -12.82 -33.99
CA ILE B 315 -27.37 -13.34 -35.09
C ILE B 315 -26.56 -14.14 -36.10
N ASP B 316 -27.02 -14.15 -37.36
CA ASP B 316 -26.35 -14.88 -38.43
C ASP B 316 -26.07 -13.95 -39.62
N TYR B 317 -24.78 -13.75 -39.90
CA TYR B 317 -24.35 -12.87 -40.98
C TYR B 317 -24.22 -13.53 -42.35
N LEU B 318 -24.65 -14.80 -42.43
CA LEU B 318 -24.58 -15.54 -43.68
C LEU B 318 -25.96 -16.16 -44.00
N ASN B 319 -26.93 -15.84 -43.16
CA ASN B 319 -28.31 -16.33 -43.28
C ASN B 319 -28.46 -17.84 -43.43
CO CO C . 2.89 -8.40 13.09
CO CO D . 5.40 -9.73 11.72
CO CO E . -6.60 14.67 -13.41
CO CO F . -4.13 15.00 -15.38
#